data_7YM7
#
_entry.id   7YM7
#
_cell.length_a   177.380
_cell.length_b   47.760
_cell.length_c   81.780
_cell.angle_alpha   90.000
_cell.angle_beta   97.930
_cell.angle_gamma   90.000
#
_symmetry.space_group_name_H-M   'C 1 2 1'
#
loop_
_entity.id
_entity.type
_entity.pdbx_description
1 polymer 'Type III secretion system effector arginine glycosyltransferase SseK1'
2 water water
#
_entity_poly.entity_id   1
_entity_poly.type   'polypeptide(L)'
_entity_poly.pdbx_seq_one_letter_code
;TNRDIQFTSFNGKDYPLCFLDEKTPLLFQWFERNPARFGKNDIPIINTEKNPYLNNIIKAATIEKERLIGIFVDGDFFPG
QKDAFSKLEYDYENIKVIYRNDIDFSMYDKKLSEIYMENISKQESMPEEKRDCHLLQLLKKELSDIQEGNDSLIKSYLLD
KGHGWADFYRNMAMLKAGQLFLEADKVGCYDLSTNSGCIYLDADMIITEKLGGIYIPDGIAVHVERIDGRASMENGIIAV
DRNNHPALLAGLEIMHTKFDADPYSDGVCNGIRKHFNYSLNEDYNSFCDFIEFKHDNIIMNTSQ
;
_entity_poly.pdbx_strand_id   A,B
#
# COMPACT_ATOMS: atom_id res chain seq x y z
N ASN A 2 15.24 36.11 18.12
CA ASN A 2 15.99 37.33 18.58
C ASN A 2 15.35 37.77 19.91
N ARG A 3 15.40 39.07 20.22
CA ARG A 3 15.20 39.57 21.60
C ARG A 3 13.76 39.33 22.02
N ASP A 4 12.81 39.59 21.13
CA ASP A 4 11.40 39.56 21.57
C ASP A 4 10.57 38.40 21.03
N ILE A 5 9.94 37.69 21.94
CA ILE A 5 8.97 36.62 21.59
C ILE A 5 7.81 37.25 20.82
N GLN A 6 7.37 36.57 19.77
CA GLN A 6 6.21 37.01 18.96
C GLN A 6 5.10 35.96 19.10
N PHE A 7 3.90 36.36 18.77
CA PHE A 7 2.68 35.55 19.00
C PHE A 7 1.87 35.41 17.71
N THR A 8 1.02 34.41 17.74
CA THR A 8 0.04 34.13 16.69
C THR A 8 -1.22 33.66 17.40
N SER A 9 -2.37 33.79 16.76
CA SER A 9 -3.66 33.45 17.43
C SER A 9 -4.28 32.26 16.73
N PHE A 10 -4.79 31.33 17.50
CA PHE A 10 -5.65 30.29 16.94
C PHE A 10 -6.82 30.15 17.88
N ASN A 11 -8.00 30.42 17.33
CA ASN A 11 -9.25 30.28 18.11
C ASN A 11 -9.27 31.37 19.17
N GLY A 12 -8.64 32.52 18.87
CA GLY A 12 -8.63 33.70 19.74
C GLY A 12 -7.57 33.66 20.83
N LYS A 13 -7.08 32.47 21.21
CA LYS A 13 -5.92 32.35 22.14
C LYS A 13 -4.63 32.74 21.41
N ASP A 14 -3.78 33.54 22.06
CA ASP A 14 -2.41 33.81 21.56
C ASP A 14 -1.51 32.64 21.97
N TYR A 15 -0.47 32.38 21.18
CA TYR A 15 0.55 31.35 21.48
C TYR A 15 1.91 31.89 21.13
N PRO A 16 2.93 31.59 21.96
CA PRO A 16 4.28 32.05 21.67
C PRO A 16 4.77 31.38 20.38
N LEU A 17 5.34 32.17 19.49
CA LEU A 17 6.20 31.68 18.40
C LEU A 17 7.60 31.48 18.97
N CYS A 18 8.15 30.28 18.88
CA CYS A 18 9.61 30.16 19.10
C CYS A 18 10.35 29.96 17.80
N PHE A 19 11.60 30.38 17.86
CA PHE A 19 12.45 30.68 16.71
C PHE A 19 13.48 29.56 16.56
N LEU A 20 13.42 28.82 15.45
CA LEU A 20 14.45 27.79 15.13
C LEU A 20 15.51 28.53 14.34
N ASP A 21 16.69 28.69 14.94
CA ASP A 21 17.79 29.45 14.29
C ASP A 21 18.33 28.64 13.10
N GLU A 22 19.36 29.18 12.46
CA GLU A 22 19.93 28.64 11.19
C GLU A 22 20.89 27.50 11.53
N LYS A 23 21.14 27.21 12.81
CA LYS A 23 21.96 26.06 13.27
C LYS A 23 21.08 24.87 13.67
N THR A 24 19.76 25.01 13.70
CA THR A 24 18.87 23.91 14.15
C THR A 24 19.18 22.70 13.28
N PRO A 25 19.39 21.51 13.87
CA PRO A 25 19.75 20.33 13.10
C PRO A 25 18.59 19.87 12.23
N LEU A 26 18.94 19.26 11.10
CA LEU A 26 17.98 18.49 10.29
C LEU A 26 18.12 16.99 10.59
N LEU A 27 17.02 16.28 10.50
CA LEU A 27 17.00 14.81 10.58
C LEU A 27 16.26 14.24 9.38
N PHE A 28 16.95 13.44 8.57
CA PHE A 28 16.37 12.48 7.61
C PHE A 28 16.35 11.07 8.23
N GLN A 29 15.61 10.17 7.59
CA GLN A 29 15.42 8.79 8.08
C GLN A 29 15.53 7.83 6.91
N TRP A 30 16.23 6.71 7.11
CA TRP A 30 16.21 5.61 6.13
C TRP A 30 16.15 4.25 6.85
N PHE A 31 14.95 3.70 6.97
CA PHE A 31 14.70 2.36 7.53
C PHE A 31 14.46 1.39 6.37
N GLU A 32 15.38 0.44 6.22
CA GLU A 32 15.55 -0.31 4.96
C GLU A 32 15.21 -1.78 5.22
N ARG A 33 14.18 -2.22 4.55
CA ARG A 33 13.84 -3.65 4.60
C ARG A 33 14.80 -4.47 3.76
N ASN A 34 15.28 -3.99 2.63
CA ASN A 34 15.92 -5.01 1.76
C ASN A 34 17.33 -4.59 1.44
N PRO A 35 18.20 -4.50 2.45
CA PRO A 35 19.55 -4.01 2.19
C PRO A 35 20.19 -4.76 1.02
N ALA A 36 19.75 -6.00 0.81
CA ALA A 36 20.34 -6.88 -0.21
C ALA A 36 20.15 -6.28 -1.61
N ARG A 37 19.26 -5.30 -1.75
CA ARG A 37 19.02 -4.63 -3.06
C ARG A 37 20.20 -3.75 -3.44
N PHE A 38 21.01 -3.33 -2.47
CA PHE A 38 22.13 -2.40 -2.77
C PHE A 38 23.43 -3.20 -2.91
N GLY A 39 24.35 -2.73 -3.75
CA GLY A 39 25.73 -3.21 -3.78
C GLY A 39 26.28 -3.36 -2.37
N LYS A 40 27.21 -4.28 -2.16
CA LYS A 40 27.61 -4.75 -0.80
C LYS A 40 28.45 -3.67 -0.13
N ASN A 41 29.02 -2.73 -0.90
CA ASN A 41 29.78 -1.59 -0.34
C ASN A 41 29.21 -0.27 -0.85
N ASP A 42 27.90 -0.22 -1.07
CA ASP A 42 27.23 1.02 -1.51
C ASP A 42 26.50 1.65 -0.33
N ILE A 43 26.22 2.93 -0.44
CA ILE A 43 25.36 3.59 0.60
C ILE A 43 24.01 2.98 0.41
N PRO A 44 23.37 2.37 1.43
CA PRO A 44 22.13 1.66 1.17
C PRO A 44 20.89 2.54 1.29
N ILE A 45 20.85 3.56 0.44
CA ILE A 45 19.71 4.48 0.34
C ILE A 45 19.41 4.55 -1.15
N ILE A 46 18.14 4.57 -1.48
CA ILE A 46 17.76 4.65 -2.91
C ILE A 46 18.18 6.02 -3.45
N ASN A 47 18.85 5.96 -4.59
CA ASN A 47 19.40 7.16 -5.25
C ASN A 47 19.29 6.94 -6.75
N THR A 48 18.13 7.25 -7.32
CA THR A 48 17.85 7.15 -8.77
C THR A 48 17.30 8.47 -9.25
N GLU A 49 17.28 8.71 -10.57
CA GLU A 49 16.85 10.00 -11.16
C GLU A 49 15.43 10.36 -10.69
N LYS A 50 14.49 9.41 -10.62
CA LYS A 50 13.10 9.68 -10.17
C LYS A 50 13.03 9.62 -8.64
N ASN A 51 14.02 9.03 -7.97
CA ASN A 51 14.00 8.94 -6.50
C ASN A 51 15.38 9.28 -5.95
N PRO A 52 15.85 10.55 -6.06
CA PRO A 52 17.23 10.85 -5.72
C PRO A 52 17.42 11.18 -4.23
N TYR A 53 17.03 10.27 -3.35
CA TYR A 53 16.90 10.54 -1.91
C TYR A 53 18.26 10.85 -1.26
N LEU A 54 19.30 10.08 -1.59
CA LEU A 54 20.64 10.37 -1.01
C LEU A 54 21.11 11.73 -1.53
N ASN A 55 20.93 11.98 -2.82
CA ASN A 55 21.26 13.29 -3.43
C ASN A 55 20.52 14.42 -2.69
N ASN A 56 19.23 14.22 -2.37
CA ASN A 56 18.45 15.25 -1.62
C ASN A 56 19.18 15.50 -0.30
N ILE A 57 19.59 14.44 0.39
CA ILE A 57 20.25 14.58 1.71
C ILE A 57 21.58 15.30 1.56
N ILE A 58 22.39 14.89 0.59
CA ILE A 58 23.71 15.54 0.31
C ILE A 58 23.49 17.02 -0.06
N LYS A 59 22.39 17.34 -0.75
CA LYS A 59 22.11 18.74 -1.18
C LYS A 59 21.83 19.61 0.04
N ALA A 60 20.97 19.13 0.94
CA ALA A 60 20.67 19.79 2.22
C ALA A 60 21.98 20.04 2.97
N ALA A 61 22.84 19.02 3.07
CA ALA A 61 24.11 19.12 3.82
C ALA A 61 25.01 20.16 3.16
N THR A 62 25.02 20.20 1.82
CA THR A 62 25.94 21.07 1.05
C THR A 62 25.41 22.50 1.10
N ILE A 63 24.09 22.68 1.19
CA ILE A 63 23.43 24.03 1.33
C ILE A 63 23.53 24.52 2.77
N GLU A 64 23.23 23.68 3.75
CA GLU A 64 23.22 24.09 5.16
C GLU A 64 24.50 23.62 5.84
N LYS A 65 25.59 24.29 5.52
CA LYS A 65 26.97 23.93 5.97
C LYS A 65 27.02 23.99 7.49
N GLU A 66 26.25 24.87 8.10
CA GLU A 66 26.39 25.16 9.55
C GLU A 66 25.40 24.35 10.37
N ARG A 67 24.66 23.46 9.72
CA ARG A 67 23.68 22.62 10.43
C ARG A 67 24.23 21.21 10.53
N LEU A 68 23.94 20.53 11.63
CA LEU A 68 24.10 19.07 11.66
C LEU A 68 23.00 18.45 10.81
N ILE A 69 23.34 17.42 10.03
CA ILE A 69 22.36 16.66 9.19
C ILE A 69 22.40 15.21 9.66
N GLY A 70 21.36 14.78 10.35
CA GLY A 70 21.22 13.39 10.79
C GLY A 70 20.66 12.49 9.72
N ILE A 71 21.15 11.26 9.63
CA ILE A 71 20.46 10.15 8.90
C ILE A 71 20.20 9.03 9.92
N PHE A 72 18.96 8.93 10.37
CA PHE A 72 18.49 7.94 11.35
C PHE A 72 18.14 6.70 10.55
N VAL A 73 18.92 5.64 10.77
CA VAL A 73 18.86 4.43 9.90
C VAL A 73 18.60 3.18 10.76
N ASP A 74 17.90 2.23 10.16
CA ASP A 74 17.70 0.88 10.72
C ASP A 74 17.60 -0.11 9.57
N GLY A 75 17.63 -1.40 9.90
CA GLY A 75 17.66 -2.51 8.93
C GLY A 75 18.97 -3.28 9.02
N ASP A 76 18.97 -4.49 8.49
CA ASP A 76 20.10 -5.46 8.62
C ASP A 76 21.13 -5.15 7.51
N PHE A 77 21.83 -4.03 7.60
CA PHE A 77 22.79 -3.57 6.56
C PHE A 77 24.01 -4.52 6.54
N PHE A 78 24.51 -4.79 5.36
CA PHE A 78 25.77 -5.56 5.16
C PHE A 78 26.91 -4.71 5.68
N PRO A 79 27.98 -5.34 6.22
CA PRO A 79 29.03 -4.62 6.93
C PRO A 79 29.78 -3.63 6.03
N GLY A 80 29.81 -3.90 4.73
CA GLY A 80 30.40 -2.99 3.73
C GLY A 80 29.50 -1.81 3.40
N GLN A 81 28.19 -1.89 3.73
CA GLN A 81 27.25 -0.75 3.57
C GLN A 81 27.41 0.20 4.75
N LYS A 82 27.62 -0.33 5.95
CA LYS A 82 28.00 0.47 7.15
C LYS A 82 29.33 1.18 6.88
N ASP A 83 30.23 0.54 6.15
CA ASP A 83 31.54 1.11 5.78
C ASP A 83 31.28 2.29 4.83
N ALA A 84 30.37 2.14 3.88
CA ALA A 84 29.95 3.20 2.94
C ALA A 84 29.37 4.39 3.75
N PHE A 85 28.55 4.13 4.75
CA PHE A 85 27.97 5.16 5.64
C PHE A 85 29.10 5.88 6.38
N SER A 86 30.10 5.17 6.87
CA SER A 86 31.21 5.83 7.59
C SER A 86 31.97 6.72 6.61
N LYS A 87 32.07 6.31 5.35
CA LYS A 87 32.79 7.14 4.36
C LYS A 87 31.98 8.42 4.11
N LEU A 88 30.67 8.31 4.01
CA LEU A 88 29.79 9.48 3.83
C LEU A 88 30.03 10.49 4.97
N GLU A 89 30.12 10.02 6.21
CA GLU A 89 30.36 10.93 7.35
C GLU A 89 31.73 11.59 7.20
N TYR A 90 32.70 10.86 6.68
CA TYR A 90 34.08 11.37 6.50
C TYR A 90 34.05 12.40 5.36
N ASP A 91 33.36 12.10 4.26
CA ASP A 91 33.32 13.01 3.08
C ASP A 91 32.59 14.32 3.47
N TYR A 92 31.49 14.24 4.20
CA TYR A 92 30.61 15.40 4.51
C TYR A 92 30.52 15.50 6.03
N GLU A 93 31.29 16.41 6.62
CA GLU A 93 31.57 16.38 8.08
C GLU A 93 30.32 16.77 8.85
N ASN A 94 29.33 17.40 8.22
CA ASN A 94 28.08 17.73 8.94
C ASN A 94 27.08 16.56 8.85
N ILE A 95 27.25 15.61 7.94
CA ILE A 95 26.36 14.42 7.93
C ILE A 95 26.77 13.45 9.04
N LYS A 96 25.75 13.07 9.83
CA LYS A 96 25.94 12.16 10.99
C LYS A 96 24.97 10.99 10.87
N VAL A 97 25.48 9.79 10.67
CA VAL A 97 24.66 8.54 10.58
C VAL A 97 24.42 8.01 11.99
N ILE A 98 23.15 7.78 12.32
CA ILE A 98 22.73 7.34 13.68
C ILE A 98 21.90 6.09 13.56
N TYR A 99 22.44 4.95 14.00
CA TYR A 99 21.76 3.64 13.97
C TYR A 99 20.80 3.55 15.14
N ARG A 100 19.57 3.14 14.86
CA ARG A 100 18.47 3.00 15.82
C ARG A 100 18.95 2.11 16.97
N ASN A 101 19.71 1.10 16.58
CA ASN A 101 20.34 0.08 17.46
C ASN A 101 21.21 0.75 18.52
N ASP A 102 21.83 1.89 18.21
CA ASP A 102 22.78 2.55 19.15
C ASP A 102 22.05 3.50 20.09
N ILE A 103 20.73 3.62 19.99
CA ILE A 103 19.96 4.59 20.82
C ILE A 103 19.05 3.81 21.76
N ASP A 104 19.00 4.25 23.00
CA ASP A 104 18.10 3.70 24.02
C ASP A 104 16.74 4.41 23.93
N PHE A 105 15.67 3.67 23.67
CA PHE A 105 14.31 4.24 23.60
C PHE A 105 13.45 3.79 24.80
N SER A 106 14.05 3.15 25.81
CA SER A 106 13.32 2.55 26.97
C SER A 106 12.48 3.56 27.74
N MET A 107 12.93 4.81 27.82
CA MET A 107 12.22 5.88 28.57
C MET A 107 10.84 6.15 27.97
N TYR A 108 10.53 5.57 26.81
CA TYR A 108 9.24 5.81 26.12
C TYR A 108 8.50 4.48 25.93
N ASP A 109 8.90 3.45 26.67
CA ASP A 109 8.32 2.10 26.46
C ASP A 109 7.08 1.93 27.34
N LYS A 110 6.29 0.93 26.98
CA LYS A 110 5.19 0.40 27.82
C LYS A 110 5.07 -1.10 27.53
N LYS A 111 4.66 -1.85 28.54
CA LYS A 111 4.40 -3.30 28.37
C LYS A 111 3.17 -3.48 27.49
N LEU A 112 3.24 -4.38 26.50
CA LEU A 112 2.02 -4.71 25.70
C LEU A 112 0.89 -5.16 26.66
N SER A 113 1.22 -5.99 27.65
CA SER A 113 0.27 -6.50 28.68
C SER A 113 -0.50 -5.33 29.30
N GLU A 114 0.18 -4.24 29.62
CA GLU A 114 -0.46 -3.07 30.27
C GLU A 114 -1.44 -2.38 29.32
N ILE A 115 -1.10 -2.26 28.03
CA ILE A 115 -1.95 -1.55 27.02
C ILE A 115 -3.17 -2.44 26.81
N TYR A 116 -2.93 -3.73 26.59
CA TYR A 116 -3.98 -4.74 26.33
C TYR A 116 -4.99 -4.71 27.48
N MET A 117 -4.51 -4.82 28.71
CA MET A 117 -5.39 -4.98 29.89
C MET A 117 -6.15 -3.68 30.19
N GLU A 118 -5.54 -2.51 30.01
CA GLU A 118 -6.26 -1.22 30.20
C GLU A 118 -7.35 -1.09 29.14
N ASN A 119 -7.11 -1.62 27.94
CA ASN A 119 -8.12 -1.57 26.84
C ASN A 119 -9.26 -2.53 27.15
N ILE A 120 -8.92 -3.74 27.57
CA ILE A 120 -9.93 -4.74 28.00
C ILE A 120 -10.79 -4.05 29.07
N SER A 121 -10.19 -3.63 30.17
CA SER A 121 -10.89 -2.96 31.29
C SER A 121 -11.71 -1.79 30.74
N LYS A 122 -11.17 -1.05 29.77
CA LYS A 122 -11.86 0.13 29.22
C LYS A 122 -13.14 -0.32 28.52
N GLN A 123 -13.06 -1.40 27.74
CA GLN A 123 -14.22 -1.98 27.03
C GLN A 123 -15.12 -2.73 28.02
N GLU A 124 -14.54 -3.72 28.71
CA GLU A 124 -15.30 -4.72 29.49
C GLU A 124 -16.17 -3.93 30.44
N SER A 125 -15.65 -2.80 30.90
CA SER A 125 -16.38 -1.89 31.79
C SER A 125 -17.24 -0.95 30.97
N MET A 126 -17.25 -1.08 29.63
CA MET A 126 -17.95 -0.07 28.78
C MET A 126 -19.44 -0.22 28.98
N PRO A 127 -20.19 0.89 29.21
CA PRO A 127 -21.50 0.81 29.84
C PRO A 127 -22.41 -0.28 29.26
N GLU A 128 -22.61 -0.25 27.95
CA GLU A 128 -23.60 -1.15 27.33
C GLU A 128 -22.79 -2.13 26.48
N GLU A 129 -23.46 -2.77 25.54
CA GLU A 129 -22.77 -3.41 24.40
C GLU A 129 -22.60 -2.34 23.33
N LYS A 130 -21.78 -1.33 23.65
CA LYS A 130 -21.08 -0.49 22.64
C LYS A 130 -19.75 -1.15 22.30
N ARG A 131 -19.48 -2.27 22.94
CA ARG A 131 -18.13 -2.86 22.88
C ARG A 131 -17.88 -3.37 21.47
N ASP A 132 -16.69 -3.13 20.99
CA ASP A 132 -16.13 -3.84 19.81
C ASP A 132 -15.90 -5.30 20.23
N CYS A 133 -16.87 -6.17 19.97
CA CYS A 133 -16.82 -7.62 20.33
C CYS A 133 -15.44 -8.18 19.91
N HIS A 134 -14.99 -7.88 18.70
CA HIS A 134 -13.80 -8.52 18.07
C HIS A 134 -12.51 -7.95 18.70
N LEU A 135 -12.44 -6.65 18.89
CA LEU A 135 -11.29 -5.99 19.57
C LEU A 135 -11.14 -6.59 20.97
N LEU A 136 -12.25 -6.74 21.71
CA LEU A 136 -12.24 -7.35 23.06
C LEU A 136 -11.70 -8.78 22.94
N GLN A 137 -12.09 -9.49 21.89
CA GLN A 137 -11.71 -10.92 21.74
C GLN A 137 -10.23 -11.01 21.37
N LEU A 138 -9.80 -10.20 20.41
CA LEU A 138 -8.39 -10.20 19.94
C LEU A 138 -7.46 -9.77 21.07
N LEU A 139 -7.81 -8.71 21.79
CA LEU A 139 -7.02 -8.22 22.96
C LEU A 139 -6.78 -9.36 23.96
N LYS A 140 -7.80 -10.14 24.31
CA LYS A 140 -7.57 -11.17 25.35
C LYS A 140 -6.60 -12.25 24.83
N LYS A 141 -6.65 -12.56 23.54
CA LYS A 141 -5.78 -13.62 22.96
C LYS A 141 -4.34 -13.11 22.82
N GLU A 142 -4.19 -11.84 22.41
CA GLU A 142 -2.84 -11.24 22.26
C GLU A 142 -2.23 -11.13 23.65
N LEU A 143 -3.04 -10.78 24.65
CA LEU A 143 -2.53 -10.71 26.04
C LEU A 143 -1.94 -12.07 26.40
N SER A 144 -2.49 -13.15 25.86
CA SER A 144 -2.02 -14.52 26.22
C SER A 144 -0.71 -14.88 25.53
N ASP A 145 -0.63 -14.63 24.22
CA ASP A 145 0.61 -14.95 23.44
C ASP A 145 1.63 -13.84 23.61
N ILE A 146 2.19 -13.68 24.82
CA ILE A 146 3.24 -12.66 25.06
C ILE A 146 4.52 -13.36 25.54
N GLN A 147 5.58 -13.31 24.73
CA GLN A 147 6.86 -13.99 25.08
C GLN A 147 7.56 -13.21 26.20
N GLU A 148 8.45 -13.88 26.93
CA GLU A 148 9.18 -13.24 28.06
C GLU A 148 9.84 -11.88 27.79
N GLY A 149 10.75 -11.84 26.81
CA GLY A 149 11.41 -10.57 26.45
C GLY A 149 10.75 -9.94 25.23
N ASN A 150 9.43 -10.03 25.13
CA ASN A 150 8.69 -9.50 23.95
C ASN A 150 7.54 -8.61 24.41
N ASP A 151 7.39 -8.40 25.72
CA ASP A 151 6.31 -7.53 26.25
C ASP A 151 6.74 -6.07 26.14
N SER A 152 7.08 -5.63 24.93
CA SER A 152 7.55 -4.23 24.71
C SER A 152 6.81 -3.59 23.53
N LEU A 153 6.29 -2.37 23.73
CA LEU A 153 5.61 -1.65 22.62
C LEU A 153 6.66 -1.25 21.59
N ILE A 154 7.90 -1.02 22.03
CA ILE A 154 8.98 -0.57 21.11
C ILE A 154 9.47 -1.78 20.31
N LYS A 155 9.62 -2.94 20.94
CA LYS A 155 10.07 -4.16 20.21
C LYS A 155 9.01 -4.54 19.18
N SER A 156 7.72 -4.44 19.54
CA SER A 156 6.61 -4.83 18.63
C SER A 156 6.71 -4.06 17.32
N TYR A 157 7.06 -2.78 17.37
CA TYR A 157 7.21 -1.94 16.14
C TYR A 157 8.45 -2.34 15.35
N LEU A 158 9.39 -3.08 15.92
CA LEU A 158 10.53 -3.63 15.14
C LEU A 158 10.05 -4.81 14.28
N LEU A 159 8.85 -5.34 14.52
CA LEU A 159 8.27 -6.42 13.68
C LEU A 159 7.12 -5.88 12.84
N ASP A 160 6.86 -4.58 12.90
CA ASP A 160 5.76 -3.95 12.13
C ASP A 160 6.02 -4.15 10.64
N LYS A 161 5.01 -4.58 9.89
CA LYS A 161 5.19 -4.99 8.48
C LYS A 161 4.97 -3.84 7.50
N GLY A 162 4.62 -2.65 7.98
CA GLY A 162 4.31 -1.50 7.12
C GLY A 162 5.12 -0.27 7.49
N HIS A 163 4.49 0.91 7.39
CA HIS A 163 5.12 2.24 7.60
C HIS A 163 5.34 2.48 9.10
N GLY A 164 4.68 1.70 9.96
CA GLY A 164 4.70 1.89 11.43
C GLY A 164 6.10 1.73 12.04
N TRP A 165 6.96 0.95 11.42
CA TRP A 165 8.33 0.68 11.92
C TRP A 165 9.12 1.99 11.88
N ALA A 166 9.11 2.68 10.74
CA ALA A 166 9.81 3.96 10.54
C ALA A 166 9.10 5.08 11.33
N ASP A 167 7.78 5.15 11.32
CA ASP A 167 7.05 6.35 11.82
C ASP A 167 7.07 6.38 13.36
N PHE A 168 6.98 5.23 14.01
CA PHE A 168 7.01 5.16 15.49
C PHE A 168 8.39 5.61 15.97
N TYR A 169 9.44 5.00 15.41
CA TYR A 169 10.82 5.36 15.79
C TYR A 169 11.11 6.82 15.47
N ARG A 170 10.63 7.32 14.33
CA ARG A 170 10.82 8.74 13.97
C ARG A 170 10.24 9.64 15.07
N ASN A 171 9.04 9.33 15.55
CA ASN A 171 8.39 10.12 16.63
C ASN A 171 9.29 10.18 17.88
N MET A 172 9.89 9.05 18.24
CA MET A 172 10.77 8.94 19.41
C MET A 172 12.13 9.60 19.14
N ALA A 173 12.69 9.43 17.94
CA ALA A 173 13.85 10.24 17.52
C ALA A 173 13.49 11.72 17.71
N MET A 174 12.26 12.11 17.36
CA MET A 174 11.88 13.53 17.42
C MET A 174 11.50 13.91 18.87
N LEU A 175 11.14 12.95 19.73
CA LEU A 175 11.05 13.25 21.19
C LEU A 175 12.46 13.54 21.72
N LYS A 176 13.50 12.91 21.15
CA LYS A 176 14.89 13.16 21.57
C LYS A 176 15.39 14.46 20.92
N ALA A 177 15.02 14.69 19.66
CA ALA A 177 15.33 15.92 18.92
C ALA A 177 16.85 16.14 18.91
N GLY A 178 17.34 17.32 19.30
CA GLY A 178 18.79 17.64 19.25
C GLY A 178 19.58 16.72 20.15
N GLN A 179 18.96 16.19 21.19
CA GLN A 179 19.63 15.24 22.13
C GLN A 179 19.93 13.92 21.41
N LEU A 180 19.31 13.66 20.26
CA LEU A 180 19.65 12.45 19.46
C LEU A 180 21.14 12.51 19.11
N PHE A 181 21.63 13.67 18.65
CA PHE A 181 23.04 13.84 18.19
C PHE A 181 23.94 13.66 19.41
N LEU A 182 23.53 14.21 20.54
CA LEU A 182 24.29 14.13 21.81
C LEU A 182 24.34 12.67 22.22
N GLU A 183 23.22 11.96 22.11
CA GLU A 183 23.17 10.56 22.55
C GLU A 183 24.07 9.67 21.67
N ALA A 184 24.22 10.00 20.38
CA ALA A 184 24.99 9.20 19.41
C ALA A 184 26.44 9.68 19.33
N ASP A 185 26.86 10.66 20.16
CA ASP A 185 28.22 11.23 20.19
C ASP A 185 28.56 11.74 18.78
N LYS A 186 27.64 12.50 18.19
CA LYS A 186 27.82 12.98 16.80
C LYS A 186 27.76 14.51 16.78
N VAL A 187 28.16 15.15 17.87
CA VAL A 187 28.06 16.64 17.96
C VAL A 187 29.45 17.24 17.88
N GLY A 188 29.67 18.17 16.94
CA GLY A 188 30.96 18.87 16.83
C GLY A 188 30.78 20.31 16.36
N ASP A 191 26.42 22.32 20.27
CA ASP A 191 24.95 22.22 20.44
C ASP A 191 24.54 22.98 21.71
N LEU A 192 23.58 22.47 22.47
CA LEU A 192 23.08 23.24 23.64
C LEU A 192 22.29 22.38 24.61
N SER A 193 22.16 22.82 25.86
CA SER A 193 21.35 22.12 26.90
C SER A 193 19.97 22.75 26.84
N THR A 194 19.87 23.84 26.08
CA THR A 194 18.59 24.53 25.89
C THR A 194 18.19 24.37 24.42
N ASN A 195 19.08 24.73 23.50
CA ASN A 195 18.77 24.72 22.04
C ASN A 195 18.74 23.27 21.57
N SER A 196 17.71 22.50 21.94
CA SER A 196 17.63 21.07 21.56
C SER A 196 16.55 20.86 20.51
N GLY A 197 16.31 21.86 19.65
CA GLY A 197 15.33 21.66 18.56
C GLY A 197 15.85 20.80 17.44
N CYS A 198 14.97 20.44 16.51
CA CYS A 198 15.35 19.59 15.35
C CYS A 198 14.25 19.68 14.30
N ILE A 199 14.59 19.60 13.03
CA ILE A 199 13.58 19.60 11.94
C ILE A 199 13.69 18.27 11.21
N TYR A 200 12.68 17.41 11.34
CA TYR A 200 12.57 16.16 10.56
C TYR A 200 12.11 16.49 9.13
N LEU A 201 12.81 15.90 8.15
CA LEU A 201 12.46 16.02 6.71
C LEU A 201 12.48 14.63 6.07
N ASP A 202 11.42 14.30 5.35
CA ASP A 202 11.40 13.10 4.48
C ASP A 202 12.44 13.29 3.36
N ALA A 203 13.05 12.21 2.93
CA ALA A 203 14.18 12.26 1.96
C ALA A 203 13.72 12.76 0.58
N ASP A 204 12.43 12.89 0.31
CA ASP A 204 11.99 13.41 -1.03
C ASP A 204 12.00 14.94 -1.01
N MET A 205 12.10 15.56 0.17
CA MET A 205 12.08 17.03 0.29
C MET A 205 13.43 17.55 -0.20
N ILE A 206 13.44 18.62 -0.99
CA ILE A 206 14.70 19.18 -1.55
C ILE A 206 14.84 20.62 -1.06
N ILE A 207 15.90 20.89 -0.32
CA ILE A 207 16.20 22.30 0.04
C ILE A 207 16.88 22.96 -1.15
N THR A 208 16.23 23.95 -1.75
CA THR A 208 16.71 24.60 -3.01
C THR A 208 17.60 25.78 -2.67
N GLU A 209 17.68 26.17 -1.41
CA GLU A 209 18.55 27.25 -0.94
C GLU A 209 18.33 27.43 0.57
N LYS A 210 19.06 28.35 1.18
CA LYS A 210 19.25 28.35 2.65
C LYS A 210 17.93 28.64 3.35
N LEU A 211 17.66 27.86 4.40
CA LEU A 211 16.35 27.87 5.09
C LEU A 211 16.13 29.19 5.80
N GLY A 212 17.14 29.71 6.48
CA GLY A 212 16.96 30.91 7.31
C GLY A 212 16.22 30.56 8.57
N GLY A 213 16.09 31.51 9.48
CA GLY A 213 15.38 31.30 10.74
C GLY A 213 13.92 31.01 10.47
N ILE A 214 13.28 30.21 11.34
CA ILE A 214 11.87 29.79 11.17
C ILE A 214 11.14 29.99 12.49
N TYR A 215 9.89 30.44 12.41
CA TYR A 215 9.00 30.61 13.56
C TYR A 215 7.92 29.55 13.50
N ILE A 216 7.78 28.76 14.55
CA ILE A 216 6.78 27.66 14.62
C ILE A 216 6.00 27.88 15.91
N PRO A 217 4.68 27.60 15.91
CA PRO A 217 3.87 27.92 17.07
C PRO A 217 3.95 26.97 18.27
N ASP A 218 4.23 27.54 19.45
CA ASP A 218 4.34 26.81 20.73
C ASP A 218 5.36 25.70 20.57
N GLY A 219 6.30 25.93 19.65
CA GLY A 219 7.47 25.06 19.46
C GLY A 219 7.19 23.79 18.66
N ILE A 220 6.18 23.76 17.80
CA ILE A 220 5.96 22.59 16.91
C ILE A 220 5.22 23.02 15.65
N ALA A 221 5.56 22.39 14.53
CA ALA A 221 4.94 22.64 13.22
C ALA A 221 5.10 21.38 12.38
N VAL A 222 4.20 21.19 11.43
CA VAL A 222 4.15 19.97 10.59
C VAL A 222 3.93 20.34 9.14
N HIS A 223 4.29 19.40 8.27
CA HIS A 223 3.99 19.45 6.83
C HIS A 223 2.48 19.54 6.66
N VAL A 224 2.04 20.54 5.93
CA VAL A 224 0.62 20.57 5.49
C VAL A 224 0.57 20.50 3.98
N GLU A 225 -0.26 19.63 3.49
CA GLU A 225 -0.48 19.58 2.04
C GLU A 225 -1.88 20.04 1.67
N ARG A 226 -1.94 20.78 0.59
CA ARG A 226 -3.21 21.32 0.11
C ARG A 226 -3.52 20.82 -1.28
N ILE A 227 -4.66 20.17 -1.43
CA ILE A 227 -5.10 19.83 -2.80
C ILE A 227 -6.50 20.31 -3.07
N ASP A 228 -6.60 21.22 -4.01
CA ASP A 228 -7.88 21.84 -4.40
C ASP A 228 -8.54 22.41 -3.16
N GLY A 229 -7.75 23.12 -2.38
CA GLY A 229 -8.27 23.98 -1.31
C GLY A 229 -8.61 23.18 -0.07
N ARG A 230 -8.20 21.93 0.01
CA ARG A 230 -8.39 21.19 1.27
C ARG A 230 -7.04 20.86 1.85
N ALA A 231 -6.87 21.17 3.11
CA ALA A 231 -5.57 21.03 3.78
C ALA A 231 -5.53 19.75 4.61
N SER A 232 -4.37 19.13 4.64
CA SER A 232 -4.14 17.98 5.56
C SER A 232 -2.76 18.08 6.18
N MET A 233 -2.65 17.61 7.42
CA MET A 233 -1.33 17.54 8.07
C MET A 233 -0.65 16.31 7.49
N GLU A 234 0.66 16.36 7.29
CA GLU A 234 1.40 15.25 6.64
C GLU A 234 2.65 14.90 7.46
N ASN A 235 3.28 13.74 7.21
CA ASN A 235 4.42 13.32 8.08
C ASN A 235 5.78 13.76 7.52
N GLY A 236 5.81 14.38 6.33
CA GLY A 236 7.08 14.76 5.70
C GLY A 236 7.93 15.71 6.52
N ILE A 237 7.31 16.66 7.22
CA ILE A 237 8.10 17.67 7.95
C ILE A 237 7.61 17.82 9.39
N ILE A 238 8.46 17.54 10.37
CA ILE A 238 8.15 17.82 11.80
C ILE A 238 9.27 18.70 12.37
N ALA A 239 8.91 19.90 12.84
CA ALA A 239 9.85 20.85 13.47
C ALA A 239 9.49 20.97 14.95
N VAL A 240 10.47 20.79 15.83
CA VAL A 240 10.22 20.86 17.29
C VAL A 240 11.16 21.90 17.93
N ASP A 241 10.70 22.54 19.00
CA ASP A 241 11.46 23.60 19.69
C ASP A 241 12.47 22.97 20.63
N ARG A 242 12.19 21.75 21.04
CA ARG A 242 13.03 21.12 22.07
C ARG A 242 12.77 19.63 22.15
N ASN A 243 13.47 18.98 23.07
CA ASN A 243 13.26 17.54 23.33
C ASN A 243 11.99 17.36 24.15
N ASN A 244 11.37 16.19 24.04
CA ASN A 244 10.14 15.85 24.81
C ASN A 244 9.07 16.93 24.64
N HIS A 245 9.06 17.63 23.50
CA HIS A 245 7.96 18.57 23.20
C HIS A 245 6.61 17.98 23.61
N PRO A 246 5.82 18.72 24.40
CA PRO A 246 4.53 18.24 24.88
C PRO A 246 3.53 17.66 23.86
N ALA A 247 3.53 18.18 22.61
CA ALA A 247 2.63 17.65 21.55
C ALA A 247 2.99 16.20 21.20
N LEU A 248 4.26 15.92 21.04
CA LEU A 248 4.75 14.55 20.74
C LEU A 248 4.58 13.67 21.96
N LEU A 249 4.63 14.22 23.17
CA LEU A 249 4.36 13.38 24.37
C LEU A 249 2.87 13.05 24.40
N ALA A 250 2.01 14.05 24.19
CA ALA A 250 0.56 13.81 23.96
C ALA A 250 0.40 12.68 22.94
N GLY A 251 1.08 12.77 21.79
CA GLY A 251 1.02 11.70 20.78
C GLY A 251 1.49 10.38 21.34
N LEU A 252 2.58 10.40 22.13
CA LEU A 252 3.12 9.15 22.73
C LEU A 252 2.09 8.61 23.75
N GLU A 253 1.40 9.52 24.43
CA GLU A 253 0.39 9.11 25.46
C GLU A 253 -0.71 8.32 24.75
N ILE A 254 -1.19 8.81 23.61
CA ILE A 254 -2.21 8.06 22.82
C ILE A 254 -1.62 6.70 22.43
N MET A 255 -0.38 6.67 21.95
CA MET A 255 0.26 5.39 21.53
C MET A 255 0.34 4.44 22.72
N HIS A 256 0.34 4.97 23.94
CA HIS A 256 0.45 4.14 25.17
C HIS A 256 -0.92 3.65 25.63
N THR A 257 -2.01 4.31 25.21
CA THR A 257 -3.39 4.01 25.68
C THR A 257 -4.22 3.35 24.57
N LYS A 258 -4.34 3.97 23.39
CA LYS A 258 -5.17 3.43 22.28
C LYS A 258 -4.48 2.21 21.69
N PHE A 259 -5.08 1.03 21.81
CA PHE A 259 -4.54 -0.21 21.20
C PHE A 259 -4.61 -0.11 19.69
N ASP A 260 -3.54 -0.56 19.04
CA ASP A 260 -3.29 -0.39 17.59
C ASP A 260 -3.48 1.08 17.19
N ALA A 261 -2.97 2.00 18.00
CA ALA A 261 -2.93 3.43 17.61
C ALA A 261 -2.02 3.57 16.39
N ASP A 262 -2.38 4.47 15.48
CA ASP A 262 -1.55 4.78 14.29
C ASP A 262 -0.44 5.73 14.73
N PRO A 263 0.84 5.38 14.52
CA PRO A 263 1.93 6.28 14.90
C PRO A 263 1.91 7.61 14.13
N TYR A 264 1.33 7.64 12.93
CA TYR A 264 1.22 8.91 12.17
C TYR A 264 -0.01 9.70 12.63
N SER A 265 -1.22 9.15 12.57
CA SER A 265 -2.42 9.99 12.83
C SER A 265 -2.63 10.15 14.35
N ASP A 266 -2.23 9.19 15.16
CA ASP A 266 -2.32 9.32 16.63
C ASP A 266 -1.04 9.91 17.21
N GLY A 267 0.13 9.39 16.81
CA GLY A 267 1.43 9.75 17.41
C GLY A 267 1.80 11.19 17.11
N VAL A 268 1.42 11.70 15.94
CA VAL A 268 1.70 13.12 15.59
C VAL A 268 0.41 13.93 15.58
N CYS A 269 -0.49 13.68 14.62
CA CYS A 269 -1.63 14.58 14.32
C CYS A 269 -2.54 14.73 15.56
N ASN A 270 -3.06 13.62 16.05
CA ASN A 270 -3.94 13.61 17.25
C ASN A 270 -3.19 14.23 18.44
N GLY A 271 -1.91 13.93 18.60
CA GLY A 271 -1.12 14.50 19.72
C GLY A 271 -1.04 16.00 19.64
N ILE A 272 -0.71 16.50 18.46
CA ILE A 272 -0.65 17.97 18.22
C ILE A 272 -2.04 18.53 18.49
N ARG A 273 -3.09 17.84 18.03
CA ARG A 273 -4.49 18.29 18.21
C ARG A 273 -4.77 18.45 19.71
N LYS A 274 -4.48 17.42 20.49
CA LYS A 274 -4.76 17.49 21.95
C LYS A 274 -3.94 18.64 22.55
N HIS A 275 -2.68 18.78 22.18
CA HIS A 275 -1.83 19.81 22.82
C HIS A 275 -2.53 21.18 22.68
N PHE A 276 -3.19 21.42 21.56
CA PHE A 276 -3.77 22.75 21.23
C PHE A 276 -5.27 22.76 21.56
N ASN A 277 -5.77 21.62 22.00
CA ASN A 277 -7.17 21.43 22.42
C ASN A 277 -8.09 21.85 21.28
N TYR A 278 -7.97 21.16 20.17
CA TYR A 278 -8.75 21.49 18.97
C TYR A 278 -9.81 20.42 18.82
N SER A 279 -11.02 20.87 18.53
CA SER A 279 -12.19 20.06 18.18
C SER A 279 -13.42 20.74 18.75
N ASN A 281 -14.90 20.58 14.98
CA ASN A 281 -15.77 21.60 15.64
C ASN A 281 -15.28 23.00 15.29
N GLU A 282 -13.99 23.12 15.02
CA GLU A 282 -13.45 24.31 14.34
C GLU A 282 -12.95 23.80 13.00
N ASP A 283 -12.42 24.70 12.18
CA ASP A 283 -11.97 24.31 10.82
C ASP A 283 -10.62 23.59 10.85
N TYR A 284 -10.59 22.36 10.38
CA TYR A 284 -9.31 21.64 10.14
C TYR A 284 -8.41 22.59 9.36
N ASN A 285 -8.99 23.23 8.33
CA ASN A 285 -8.23 24.05 7.39
C ASN A 285 -7.52 25.18 8.14
N SER A 286 -8.24 25.91 8.98
CA SER A 286 -7.68 27.10 9.69
C SER A 286 -6.60 26.62 10.68
N PHE A 287 -6.83 25.47 11.30
CA PHE A 287 -5.83 24.81 12.19
C PHE A 287 -4.59 24.44 11.35
N CYS A 288 -4.80 23.91 10.14
CA CYS A 288 -3.70 23.43 9.26
C CYS A 288 -2.84 24.63 8.84
N ASP A 289 -3.39 25.83 8.62
CA ASP A 289 -2.54 27.01 8.25
C ASP A 289 -1.82 27.49 9.50
N PHE A 290 -2.33 27.12 10.67
CA PHE A 290 -1.73 27.57 11.95
C PHE A 290 -0.51 26.69 12.22
N ILE A 291 -0.69 25.36 12.19
CA ILE A 291 0.36 24.35 12.53
C ILE A 291 1.36 24.16 11.38
N GLU A 292 1.04 24.61 10.18
CA GLU A 292 1.89 24.38 8.97
C GLU A 292 3.33 24.85 9.21
N PHE A 293 4.31 24.02 8.81
CA PHE A 293 5.73 24.42 8.78
C PHE A 293 5.92 25.37 7.59
N LYS A 294 6.35 26.61 7.87
CA LYS A 294 6.58 27.59 6.79
C LYS A 294 8.04 27.53 6.35
N HIS A 295 8.31 27.26 5.07
CA HIS A 295 9.69 27.17 4.55
C HIS A 295 9.79 27.84 3.17
N ASP A 296 9.05 27.30 2.19
CA ASP A 296 9.07 27.86 0.80
C ASP A 296 10.41 27.52 0.15
N ASN A 297 11.26 26.74 0.83
CA ASN A 297 12.58 26.35 0.28
C ASN A 297 12.67 24.82 0.20
N ILE A 298 11.55 24.13 0.39
CA ILE A 298 11.59 22.63 0.42
C ILE A 298 10.55 22.07 -0.56
N ILE A 299 10.98 21.75 -1.79
CA ILE A 299 10.07 21.15 -2.80
C ILE A 299 10.25 19.64 -2.76
N MET A 300 9.42 18.91 -3.51
CA MET A 300 9.58 17.43 -3.63
C MET A 300 10.18 17.12 -5.00
N ASN A 301 10.47 15.84 -5.28
CA ASN A 301 11.14 15.46 -6.55
C ASN A 301 10.00 15.20 -7.53
N THR A 302 8.89 15.93 -7.40
CA THR A 302 7.76 15.79 -8.38
C THR A 302 7.38 17.18 -8.90
N SER A 303 8.30 18.15 -8.80
CA SER A 303 7.98 19.54 -9.22
C SER A 303 8.80 19.97 -10.43
N GLN A 304 8.41 21.06 -11.09
CA GLN A 304 9.11 21.57 -12.31
C GLN A 304 10.12 22.66 -11.94
N THR B 1 20.87 -15.59 -14.00
CA THR B 1 20.71 -16.91 -14.64
C THR B 1 20.35 -16.76 -16.12
N ASN B 2 21.12 -17.40 -17.01
CA ASN B 2 20.81 -17.36 -18.46
C ASN B 2 20.67 -18.80 -18.93
N ARG B 3 19.68 -19.53 -18.43
CA ARG B 3 19.65 -20.96 -18.82
C ARG B 3 18.77 -21.13 -20.06
N ASP B 4 18.98 -22.24 -20.76
CA ASP B 4 18.22 -22.61 -21.96
C ASP B 4 16.75 -22.57 -21.59
N ILE B 5 15.92 -22.16 -22.54
CA ILE B 5 14.46 -22.11 -22.32
C ILE B 5 13.92 -23.52 -22.51
N GLN B 6 13.04 -23.93 -21.62
CA GLN B 6 12.49 -25.32 -21.63
C GLN B 6 11.13 -25.30 -22.33
N PHE B 7 10.76 -26.46 -22.86
CA PHE B 7 9.53 -26.63 -23.63
C PHE B 7 8.70 -27.76 -23.02
N THR B 8 7.40 -27.58 -23.04
CA THR B 8 6.43 -28.66 -22.75
C THR B 8 5.59 -28.86 -24.01
N SER B 9 5.51 -30.09 -24.47
CA SER B 9 4.63 -30.46 -25.61
C SER B 9 3.31 -31.08 -25.18
N PHE B 10 2.22 -30.44 -25.56
CA PHE B 10 0.88 -31.03 -25.59
C PHE B 10 0.32 -31.14 -27.01
N ASN B 11 -0.18 -32.32 -27.38
CA ASN B 11 -0.82 -32.56 -28.69
C ASN B 11 0.22 -32.50 -29.83
N GLY B 12 1.47 -32.85 -29.56
CA GLY B 12 2.53 -32.85 -30.59
C GLY B 12 3.19 -31.49 -30.74
N LYS B 13 2.45 -30.39 -30.59
CA LYS B 13 3.04 -29.02 -30.71
C LYS B 13 3.90 -28.72 -29.48
N ASP B 14 5.09 -28.15 -29.68
CA ASP B 14 6.01 -27.74 -28.58
C ASP B 14 5.68 -26.31 -28.13
N TYR B 15 5.62 -26.09 -26.82
CA TYR B 15 5.29 -24.78 -26.21
C TYR B 15 6.40 -24.38 -25.24
N PRO B 16 6.95 -23.15 -25.35
CA PRO B 16 8.04 -22.74 -24.47
C PRO B 16 7.50 -22.54 -23.05
N LEU B 17 8.23 -23.11 -22.08
CA LEU B 17 7.86 -23.05 -20.65
C LEU B 17 8.39 -21.75 -20.07
N CYS B 18 7.52 -21.06 -19.34
CA CYS B 18 7.75 -19.67 -18.92
C CYS B 18 8.03 -19.57 -17.41
N PHE B 19 9.11 -18.89 -17.03
CA PHE B 19 9.46 -18.70 -15.61
C PHE B 19 8.75 -17.45 -15.09
N LEU B 20 7.88 -17.62 -14.10
CA LEU B 20 7.42 -16.50 -13.23
C LEU B 20 8.42 -16.36 -12.10
N ASP B 21 9.10 -15.21 -11.99
CA ASP B 21 10.05 -14.98 -10.88
C ASP B 21 9.28 -14.81 -9.57
N GLU B 22 9.98 -14.93 -8.45
CA GLU B 22 9.34 -14.94 -7.11
C GLU B 22 8.94 -13.53 -6.72
N LYS B 23 9.18 -12.54 -7.58
CA LYS B 23 8.63 -11.18 -7.38
C LYS B 23 7.31 -10.99 -8.16
N THR B 24 6.79 -12.00 -8.86
CA THR B 24 5.56 -11.86 -9.66
C THR B 24 4.42 -11.46 -8.73
N PRO B 25 3.74 -10.32 -8.98
CA PRO B 25 2.72 -9.84 -8.05
C PRO B 25 1.59 -10.87 -7.86
N LEU B 26 0.89 -10.76 -6.73
CA LEU B 26 -0.34 -11.53 -6.44
C LEU B 26 -1.53 -10.58 -6.45
N LEU B 27 -2.66 -11.04 -7.02
CA LEU B 27 -3.90 -10.24 -7.10
C LEU B 27 -5.09 -11.01 -6.52
N PHE B 28 -5.73 -10.44 -5.50
CA PHE B 28 -7.07 -10.85 -5.03
C PHE B 28 -8.09 -9.84 -5.54
N GLN B 29 -9.37 -10.13 -5.30
CA GLN B 29 -10.48 -9.26 -5.74
C GLN B 29 -11.59 -9.34 -4.72
N TRP B 30 -12.24 -8.23 -4.42
CA TRP B 30 -13.49 -8.22 -3.63
C TRP B 30 -14.40 -7.14 -4.17
N PHE B 31 -15.41 -7.55 -4.95
CA PHE B 31 -16.53 -6.68 -5.38
C PHE B 31 -17.66 -6.86 -4.37
N GLU B 32 -18.13 -5.74 -3.83
CA GLU B 32 -19.10 -5.73 -2.70
C GLU B 32 -20.41 -5.03 -3.12
N ARG B 33 -21.51 -5.78 -3.11
CA ARG B 33 -22.87 -5.23 -3.35
C ARG B 33 -23.35 -4.40 -2.18
N ASN B 34 -23.14 -4.93 -0.98
CA ASN B 34 -23.87 -4.54 0.25
C ASN B 34 -22.87 -4.16 1.33
N PRO B 35 -22.07 -3.08 1.17
CA PRO B 35 -21.09 -2.70 2.19
C PRO B 35 -21.70 -2.38 3.58
N ALA B 36 -22.99 -2.04 3.63
CA ALA B 36 -23.72 -1.65 4.86
C ALA B 36 -23.78 -2.79 5.89
N ARG B 37 -23.41 -4.01 5.50
CA ARG B 37 -23.41 -5.16 6.43
C ARG B 37 -22.14 -5.16 7.29
N PHE B 38 -21.11 -4.42 6.89
CA PHE B 38 -19.89 -4.23 7.72
C PHE B 38 -19.97 -2.90 8.47
N GLY B 39 -19.07 -2.72 9.43
CA GLY B 39 -18.93 -1.45 10.17
C GLY B 39 -18.69 -0.28 9.21
N LYS B 40 -19.10 0.92 9.61
CA LYS B 40 -18.91 2.13 8.79
C LYS B 40 -17.41 2.39 8.66
N ASN B 41 -16.63 1.94 9.63
CA ASN B 41 -15.17 2.18 9.67
C ASN B 41 -14.48 0.82 9.82
N ASP B 42 -14.93 -0.20 9.09
CA ASP B 42 -14.27 -1.52 9.12
C ASP B 42 -13.85 -1.90 7.71
N ILE B 43 -12.88 -2.81 7.58
CA ILE B 43 -12.43 -3.28 6.25
C ILE B 43 -13.59 -4.04 5.61
N PRO B 44 -14.16 -3.55 4.48
CA PRO B 44 -15.36 -4.15 3.91
C PRO B 44 -15.01 -5.41 3.10
N ILE B 45 -14.46 -6.40 3.79
CA ILE B 45 -14.25 -7.75 3.22
C ILE B 45 -14.64 -8.75 4.30
N ILE B 46 -15.41 -9.76 3.92
CA ILE B 46 -15.93 -10.75 4.90
C ILE B 46 -14.74 -11.49 5.52
N ASN B 47 -14.79 -11.74 6.83
CA ASN B 47 -13.66 -12.37 7.56
C ASN B 47 -14.15 -13.44 8.53
N THR B 48 -15.27 -14.08 8.21
CA THR B 48 -15.89 -15.08 9.13
C THR B 48 -15.03 -16.33 9.25
N GLU B 49 -15.32 -17.15 10.26
CA GLU B 49 -14.60 -18.44 10.43
C GLU B 49 -14.78 -19.26 9.16
N LYS B 50 -15.98 -19.23 8.59
CA LYS B 50 -16.26 -20.02 7.36
C LYS B 50 -15.54 -19.37 6.17
N ASN B 51 -15.57 -18.04 6.10
CA ASN B 51 -14.96 -17.33 4.94
C ASN B 51 -14.02 -16.28 5.50
N PRO B 52 -12.87 -16.69 6.08
CA PRO B 52 -11.91 -15.72 6.62
C PRO B 52 -11.01 -15.17 5.50
N TYR B 53 -11.62 -14.47 4.56
CA TYR B 53 -10.92 -13.96 3.35
C TYR B 53 -9.89 -12.89 3.74
N LEU B 54 -10.27 -11.94 4.59
CA LEU B 54 -9.33 -10.86 4.97
C LEU B 54 -8.07 -11.51 5.53
N ASN B 55 -8.21 -12.46 6.45
CA ASN B 55 -7.03 -13.10 7.07
C ASN B 55 -6.21 -13.83 6.00
N ASN B 56 -6.89 -14.40 4.99
CA ASN B 56 -6.21 -15.13 3.90
C ASN B 56 -5.27 -14.19 3.15
N ILE B 57 -5.76 -12.99 2.82
CA ILE B 57 -4.97 -12.00 2.04
C ILE B 57 -3.79 -11.57 2.92
N ILE B 58 -4.09 -11.18 4.16
CA ILE B 58 -3.03 -10.73 5.09
C ILE B 58 -2.02 -11.88 5.21
N LYS B 59 -2.50 -13.11 5.35
CA LYS B 59 -1.59 -14.28 5.47
C LYS B 59 -0.70 -14.38 4.24
N ALA B 60 -1.24 -14.06 3.05
CA ALA B 60 -0.47 -14.05 1.79
C ALA B 60 0.59 -12.95 1.82
N ALA B 61 0.19 -11.74 2.24
CA ALA B 61 1.12 -10.58 2.28
C ALA B 61 2.27 -10.86 3.25
N THR B 62 2.01 -11.47 4.39
CA THR B 62 3.06 -11.66 5.44
C THR B 62 4.01 -12.77 4.99
N ILE B 63 3.51 -13.82 4.32
CA ILE B 63 4.41 -14.85 3.73
C ILE B 63 5.21 -14.23 2.58
N GLU B 64 4.55 -13.66 1.57
CA GLU B 64 5.23 -13.17 0.34
C GLU B 64 5.71 -11.73 0.54
N LYS B 65 6.59 -11.52 1.50
CA LYS B 65 7.12 -10.18 1.88
C LYS B 65 7.71 -9.47 0.65
N GLU B 66 8.12 -10.21 -0.39
CA GLU B 66 8.92 -9.66 -1.50
C GLU B 66 8.05 -9.32 -2.74
N ARG B 67 6.74 -9.62 -2.74
CA ARG B 67 5.97 -9.35 -3.99
C ARG B 67 4.72 -8.54 -3.66
N LEU B 68 4.33 -7.64 -4.55
CA LEU B 68 3.11 -6.82 -4.35
C LEU B 68 1.92 -7.77 -4.22
N ILE B 69 1.01 -7.43 -3.31
CA ILE B 69 -0.27 -8.14 -3.11
C ILE B 69 -1.37 -7.13 -3.40
N GLY B 70 -2.07 -7.33 -4.52
CA GLY B 70 -3.16 -6.43 -4.93
C GLY B 70 -4.48 -6.88 -4.34
N ILE B 71 -5.30 -5.92 -3.95
CA ILE B 71 -6.75 -6.18 -3.68
C ILE B 71 -7.57 -5.32 -4.63
N PHE B 72 -8.05 -5.94 -5.70
CA PHE B 72 -8.89 -5.29 -6.72
C PHE B 72 -10.31 -5.25 -6.17
N VAL B 73 -10.83 -4.07 -5.90
CA VAL B 73 -12.07 -3.89 -5.11
C VAL B 73 -13.08 -3.07 -5.89
N ASP B 74 -14.33 -3.15 -5.46
CA ASP B 74 -15.41 -2.28 -5.98
C ASP B 74 -16.66 -2.45 -5.12
N GLY B 75 -17.55 -1.48 -5.18
CA GLY B 75 -18.75 -1.42 -4.33
C GLY B 75 -19.04 0.00 -3.90
N ASP B 76 -20.18 0.21 -3.23
CA ASP B 76 -20.63 1.55 -2.76
C ASP B 76 -20.01 1.79 -1.37
N PHE B 77 -18.68 1.78 -1.31
CA PHE B 77 -17.89 1.79 -0.05
C PHE B 77 -18.10 3.09 0.72
N PHE B 78 -18.45 2.98 2.00
CA PHE B 78 -18.49 4.13 2.93
C PHE B 78 -17.12 4.80 2.97
N PRO B 79 -17.05 6.12 3.27
CA PRO B 79 -15.76 6.80 3.40
C PRO B 79 -14.87 6.22 4.51
N GLY B 80 -15.47 5.82 5.64
CA GLY B 80 -14.75 5.21 6.77
C GLY B 80 -14.17 3.84 6.43
N GLN B 81 -14.89 3.04 5.65
CA GLN B 81 -14.39 1.72 5.18
C GLN B 81 -13.26 1.97 4.18
N LYS B 82 -13.35 3.02 3.35
CA LYS B 82 -12.27 3.41 2.41
C LYS B 82 -11.01 3.75 3.24
N ASP B 83 -11.23 4.28 4.44
CA ASP B 83 -10.08 4.66 5.29
C ASP B 83 -9.46 3.41 5.91
N ALA B 84 -10.28 2.40 6.19
CA ALA B 84 -9.75 1.13 6.75
C ALA B 84 -8.88 0.44 5.70
N PHE B 85 -9.24 0.60 4.43
CA PHE B 85 -8.40 0.04 3.35
C PHE B 85 -7.02 0.72 3.43
N SER B 86 -7.01 2.03 3.62
CA SER B 86 -5.74 2.79 3.68
C SER B 86 -4.96 2.35 4.94
N LYS B 87 -5.67 2.17 6.05
CA LYS B 87 -5.03 1.70 7.31
C LYS B 87 -4.41 0.32 7.06
N LEU B 88 -5.08 -0.53 6.27
CA LEU B 88 -4.56 -1.86 5.86
C LEU B 88 -3.33 -1.62 4.97
N GLU B 89 -3.38 -0.64 4.05
CA GLU B 89 -2.20 -0.29 3.21
C GLU B 89 -1.05 0.13 4.12
N TYR B 90 -1.34 0.85 5.19
CA TYR B 90 -0.34 1.40 6.14
C TYR B 90 0.36 0.23 6.87
N ASP B 91 -0.41 -0.69 7.44
CA ASP B 91 0.12 -1.78 8.32
C ASP B 91 0.89 -2.82 7.51
N TYR B 92 0.65 -2.92 6.20
CA TYR B 92 1.31 -3.91 5.32
C TYR B 92 1.79 -3.19 4.06
N GLU B 93 3.09 -2.99 3.95
CA GLU B 93 3.69 -2.21 2.85
C GLU B 93 3.38 -2.87 1.49
N ASN B 94 3.23 -4.20 1.44
CA ASN B 94 3.15 -4.92 0.14
C ASN B 94 1.70 -5.07 -0.33
N ILE B 95 0.72 -4.63 0.47
CA ILE B 95 -0.75 -4.70 0.12
C ILE B 95 -1.17 -3.39 -0.55
N LYS B 96 -1.80 -3.51 -1.72
CA LYS B 96 -2.23 -2.36 -2.55
C LYS B 96 -3.71 -2.53 -2.87
N VAL B 97 -4.55 -1.68 -2.30
CA VAL B 97 -6.00 -1.68 -2.59
C VAL B 97 -6.21 -0.85 -3.85
N ILE B 98 -6.80 -1.46 -4.88
CA ILE B 98 -6.99 -0.80 -6.19
C ILE B 98 -8.49 -0.78 -6.48
N TYR B 99 -9.11 0.40 -6.52
CA TYR B 99 -10.56 0.56 -6.81
C TYR B 99 -10.78 0.49 -8.32
N ARG B 100 -11.80 -0.25 -8.72
CA ARG B 100 -12.12 -0.41 -10.16
C ARG B 100 -12.26 0.97 -10.82
N ASN B 101 -12.89 1.94 -10.15
CA ASN B 101 -13.18 3.27 -10.76
C ASN B 101 -11.90 4.09 -10.99
N ASP B 102 -10.75 3.66 -10.49
CA ASP B 102 -9.48 4.42 -10.71
C ASP B 102 -8.81 3.89 -11.98
N ILE B 103 -9.27 2.77 -12.53
CA ILE B 103 -8.59 2.13 -13.71
C ILE B 103 -9.44 2.40 -14.97
N ASP B 104 -8.78 2.84 -16.03
CA ASP B 104 -9.40 3.05 -17.34
C ASP B 104 -9.40 1.72 -18.11
N PHE B 105 -10.54 1.03 -18.12
CA PHE B 105 -10.69 -0.25 -18.86
C PHE B 105 -11.23 0.01 -20.27
N SER B 106 -11.35 1.27 -20.69
CA SER B 106 -12.01 1.66 -21.97
C SER B 106 -11.41 0.91 -23.16
N MET B 107 -10.12 0.57 -23.14
CA MET B 107 -9.41 -0.09 -24.27
C MET B 107 -9.92 -1.52 -24.49
N TYR B 108 -10.72 -2.10 -23.59
CA TYR B 108 -11.23 -3.49 -23.74
C TYR B 108 -12.73 -3.49 -24.07
N ASP B 109 -13.35 -2.31 -24.12
CA ASP B 109 -14.82 -2.17 -24.25
C ASP B 109 -15.26 -2.44 -25.69
N LYS B 110 -16.54 -2.74 -25.85
CA LYS B 110 -17.22 -2.72 -27.17
C LYS B 110 -18.63 -2.17 -27.02
N LYS B 111 -19.08 -1.47 -28.05
CA LYS B 111 -20.48 -0.97 -28.10
C LYS B 111 -21.40 -2.19 -28.04
N LEU B 112 -22.32 -2.22 -27.08
CA LEU B 112 -23.37 -3.27 -27.05
C LEU B 112 -24.14 -3.21 -28.38
N SER B 113 -24.53 -2.00 -28.77
CA SER B 113 -25.28 -1.74 -30.04
C SER B 113 -24.69 -2.60 -31.17
N GLU B 114 -23.37 -2.72 -31.23
CA GLU B 114 -22.75 -3.42 -32.38
C GLU B 114 -22.67 -4.94 -32.12
N ILE B 115 -22.66 -5.39 -30.86
CA ILE B 115 -22.57 -6.85 -30.60
C ILE B 115 -23.87 -7.52 -31.10
N TYR B 116 -25.02 -6.95 -30.78
CA TYR B 116 -26.35 -7.43 -31.27
C TYR B 116 -26.35 -7.41 -32.80
N MET B 117 -26.07 -6.25 -33.39
CA MET B 117 -26.12 -6.08 -34.86
C MET B 117 -25.23 -7.13 -35.54
N GLU B 118 -24.07 -7.45 -34.97
CA GLU B 118 -23.17 -8.44 -35.60
C GLU B 118 -23.86 -9.80 -35.67
N ASN B 119 -24.57 -10.20 -34.61
CA ASN B 119 -25.17 -11.55 -34.59
C ASN B 119 -26.47 -11.59 -35.40
N ILE B 120 -27.18 -10.47 -35.50
CA ILE B 120 -28.42 -10.41 -36.34
C ILE B 120 -28.01 -10.66 -37.79
N SER B 121 -26.88 -10.08 -38.20
CA SER B 121 -26.42 -10.21 -39.60
C SER B 121 -26.10 -11.67 -39.91
N LYS B 122 -25.44 -12.36 -38.99
CA LYS B 122 -25.02 -13.76 -39.29
C LYS B 122 -26.27 -14.63 -39.40
N GLN B 123 -27.27 -14.35 -38.57
CA GLN B 123 -28.55 -15.09 -38.67
C GLN B 123 -29.23 -14.73 -39.99
N GLU B 124 -29.30 -13.44 -40.28
CA GLU B 124 -29.98 -12.99 -41.52
C GLU B 124 -29.24 -13.59 -42.72
N SER B 125 -27.99 -13.99 -42.52
CA SER B 125 -27.17 -14.55 -43.64
C SER B 125 -27.43 -16.03 -43.74
N MET B 126 -28.19 -16.57 -42.80
CA MET B 126 -28.39 -18.04 -42.76
C MET B 126 -29.59 -18.42 -43.64
N PRO B 127 -29.68 -19.67 -44.10
CA PRO B 127 -30.85 -20.11 -44.84
C PRO B 127 -32.08 -19.87 -43.96
N GLU B 128 -33.10 -19.20 -44.50
CA GLU B 128 -34.34 -18.90 -43.74
C GLU B 128 -34.76 -20.11 -42.90
N GLU B 129 -34.81 -21.28 -43.52
CA GLU B 129 -35.27 -22.48 -42.76
C GLU B 129 -34.29 -22.75 -41.62
N LYS B 130 -33.00 -22.60 -41.84
CA LYS B 130 -32.07 -22.97 -40.74
C LYS B 130 -32.03 -21.84 -39.69
N ARG B 131 -32.71 -20.71 -39.94
CA ARG B 131 -32.58 -19.58 -39.00
C ARG B 131 -33.22 -19.92 -37.65
N ASP B 132 -32.90 -19.11 -36.65
CA ASP B 132 -33.40 -19.22 -35.26
C ASP B 132 -34.17 -17.95 -34.97
N CYS B 133 -35.48 -17.99 -35.14
CA CYS B 133 -36.37 -16.79 -35.14
C CYS B 133 -36.49 -16.23 -33.73
N HIS B 134 -36.75 -17.09 -32.75
CA HIS B 134 -36.89 -16.68 -31.32
C HIS B 134 -35.58 -16.06 -30.84
N LEU B 135 -34.45 -16.72 -31.10
CA LEU B 135 -33.09 -16.14 -30.83
C LEU B 135 -33.00 -14.77 -31.50
N LEU B 136 -33.37 -14.64 -32.78
CA LEU B 136 -33.16 -13.35 -33.51
C LEU B 136 -34.09 -12.25 -32.98
N GLN B 137 -35.30 -12.61 -32.56
CA GLN B 137 -36.22 -11.60 -32.01
C GLN B 137 -35.62 -11.01 -30.73
N LEU B 138 -34.98 -11.85 -29.93
CA LEU B 138 -34.40 -11.40 -28.63
C LEU B 138 -33.38 -10.29 -28.90
N LEU B 139 -32.53 -10.48 -29.90
CA LEU B 139 -31.45 -9.51 -30.20
C LEU B 139 -32.07 -8.16 -30.55
N LYS B 140 -33.09 -8.14 -31.41
CA LYS B 140 -33.68 -6.87 -31.88
C LYS B 140 -34.40 -6.17 -30.72
N LYS B 141 -35.07 -6.94 -29.87
CA LYS B 141 -35.82 -6.35 -28.72
C LYS B 141 -34.83 -5.86 -27.68
N GLU B 142 -33.73 -6.60 -27.48
CA GLU B 142 -32.67 -6.19 -26.51
C GLU B 142 -31.99 -4.94 -27.08
N LEU B 143 -31.58 -4.99 -28.35
CA LEU B 143 -30.96 -3.82 -29.02
C LEU B 143 -31.93 -2.65 -28.96
N SER B 144 -33.24 -2.93 -29.01
CA SER B 144 -34.26 -1.85 -29.04
C SER B 144 -34.25 -1.05 -27.74
N ASP B 145 -33.80 -1.66 -26.65
CA ASP B 145 -33.86 -0.98 -25.33
C ASP B 145 -32.46 -0.54 -24.90
N ILE B 146 -31.53 -0.43 -25.86
CA ILE B 146 -30.14 0.04 -25.54
C ILE B 146 -30.06 1.54 -25.81
N GLN B 147 -29.89 2.35 -24.76
CA GLN B 147 -29.85 3.83 -24.91
C GLN B 147 -28.47 4.26 -25.41
N GLU B 148 -28.37 5.39 -26.10
CA GLU B 148 -27.08 5.80 -26.70
C GLU B 148 -25.99 6.03 -25.64
N GLY B 149 -26.36 6.41 -24.41
CA GLY B 149 -25.34 6.74 -23.39
C GLY B 149 -25.00 5.59 -22.45
N ASN B 150 -25.58 4.39 -22.67
CA ASN B 150 -25.26 3.19 -21.86
C ASN B 150 -24.92 2.07 -22.83
N ASP B 151 -24.30 2.42 -23.96
CA ASP B 151 -23.94 1.43 -25.00
C ASP B 151 -22.53 0.90 -24.71
N SER B 152 -22.38 -0.02 -23.74
CA SER B 152 -21.02 -0.48 -23.34
C SER B 152 -21.07 -1.91 -22.80
N LEU B 153 -20.32 -2.83 -23.42
CA LEU B 153 -20.24 -4.20 -22.86
C LEU B 153 -19.80 -4.07 -21.40
N ILE B 154 -18.83 -3.18 -21.16
CA ILE B 154 -18.34 -2.98 -19.76
C ILE B 154 -19.47 -2.43 -18.89
N LYS B 155 -20.20 -1.41 -19.33
CA LYS B 155 -21.21 -0.78 -18.43
C LYS B 155 -22.35 -1.76 -18.15
N SER B 156 -22.50 -2.77 -19.02
CA SER B 156 -23.56 -3.80 -18.79
C SER B 156 -23.24 -4.60 -17.53
N TYR B 157 -21.97 -5.01 -17.38
CA TYR B 157 -21.58 -5.86 -16.23
C TYR B 157 -21.47 -5.04 -14.95
N LEU B 158 -21.14 -3.76 -15.06
CA LEU B 158 -21.12 -2.92 -13.85
C LEU B 158 -22.54 -2.89 -13.31
N LEU B 159 -23.51 -2.79 -14.21
CA LEU B 159 -24.94 -2.77 -13.82
C LEU B 159 -25.36 -4.20 -13.48
N ASP B 160 -24.53 -5.19 -13.82
CA ASP B 160 -24.83 -6.59 -13.42
C ASP B 160 -24.50 -6.76 -11.95
N LYS B 161 -25.25 -7.60 -11.26
CA LYS B 161 -25.04 -7.85 -9.81
C LYS B 161 -24.54 -9.27 -9.61
N GLY B 162 -24.68 -10.13 -10.64
CA GLY B 162 -24.20 -11.52 -10.55
C GLY B 162 -22.68 -11.59 -10.55
N HIS B 163 -22.13 -12.80 -10.63
CA HIS B 163 -20.64 -12.97 -10.62
C HIS B 163 -20.02 -12.20 -11.78
N GLY B 164 -20.77 -12.01 -12.87
CA GLY B 164 -20.23 -11.31 -14.06
C GLY B 164 -19.58 -9.99 -13.68
N TRP B 165 -20.24 -9.20 -12.82
CA TRP B 165 -19.63 -7.92 -12.35
C TRP B 165 -18.19 -8.19 -11.89
N ALA B 166 -18.00 -9.22 -11.07
CA ALA B 166 -16.65 -9.55 -10.56
C ALA B 166 -15.88 -10.36 -11.60
N ASP B 167 -16.55 -11.28 -12.32
CA ASP B 167 -15.87 -12.23 -13.25
C ASP B 167 -15.40 -11.45 -14.49
N PHE B 168 -16.21 -10.55 -15.02
CA PHE B 168 -15.80 -9.78 -16.21
C PHE B 168 -14.63 -8.86 -15.86
N TYR B 169 -14.70 -8.18 -14.71
CA TYR B 169 -13.67 -7.20 -14.32
C TYR B 169 -12.38 -7.92 -13.93
N ARG B 170 -12.47 -9.10 -13.35
CA ARG B 170 -11.26 -9.87 -13.04
C ARG B 170 -10.50 -10.11 -14.34
N ASN B 171 -11.25 -10.42 -15.40
CA ASN B 171 -10.64 -10.73 -16.72
C ASN B 171 -9.85 -9.52 -17.21
N MET B 172 -10.36 -8.30 -17.02
CA MET B 172 -9.68 -7.11 -17.58
C MET B 172 -8.49 -6.73 -16.69
N ALA B 173 -8.60 -6.90 -15.38
CA ALA B 173 -7.48 -6.64 -14.46
C ALA B 173 -6.34 -7.60 -14.81
N MET B 174 -6.67 -8.85 -15.17
CA MET B 174 -5.65 -9.86 -15.50
C MET B 174 -5.10 -9.62 -16.91
N LEU B 175 -5.85 -8.94 -17.77
CA LEU B 175 -5.30 -8.44 -19.04
C LEU B 175 -4.24 -7.38 -18.73
N LYS B 176 -4.52 -6.48 -17.79
CA LYS B 176 -3.55 -5.42 -17.42
C LYS B 176 -2.40 -6.07 -16.63
N ALA B 177 -2.72 -6.98 -15.71
CA ALA B 177 -1.75 -7.87 -15.02
C ALA B 177 -0.76 -6.99 -14.23
N GLY B 178 0.54 -7.17 -14.44
CA GLY B 178 1.57 -6.34 -13.79
C GLY B 178 1.22 -4.86 -13.88
N GLN B 179 0.64 -4.39 -14.98
CA GLN B 179 0.45 -2.93 -15.21
C GLN B 179 -0.77 -2.40 -14.47
N LEU B 180 -1.59 -3.27 -13.89
CA LEU B 180 -2.66 -2.80 -12.97
C LEU B 180 -1.99 -2.01 -11.84
N PHE B 181 -0.88 -2.52 -11.30
CA PHE B 181 -0.13 -1.86 -10.20
C PHE B 181 0.50 -0.55 -10.69
N LEU B 182 1.20 -0.59 -11.81
CA LEU B 182 1.87 0.59 -12.44
C LEU B 182 0.81 1.68 -12.67
N GLU B 183 -0.37 1.31 -13.16
CA GLU B 183 -1.43 2.29 -13.53
C GLU B 183 -2.06 2.88 -12.27
N ALA B 184 -2.12 2.13 -11.17
CA ALA B 184 -2.76 2.64 -9.94
C ALA B 184 -1.74 3.37 -9.08
N ASP B 185 -0.52 3.58 -9.58
CA ASP B 185 0.57 4.23 -8.80
C ASP B 185 0.73 3.53 -7.46
N LYS B 186 0.82 2.20 -7.49
CA LYS B 186 0.97 1.40 -6.23
C LYS B 186 2.30 0.65 -6.24
N VAL B 187 3.14 0.87 -7.26
CA VAL B 187 4.42 0.12 -7.39
C VAL B 187 5.49 0.99 -6.73
N GLY B 188 5.38 1.22 -5.41
CA GLY B 188 6.42 1.98 -4.71
C GLY B 188 7.63 1.12 -4.46
N CYS B 189 7.42 -0.09 -3.91
CA CYS B 189 8.53 -1.04 -3.67
C CYS B 189 9.35 -1.22 -4.94
N TYR B 190 8.74 -1.03 -6.11
CA TYR B 190 9.46 -1.19 -7.41
C TYR B 190 9.77 -2.68 -7.61
N ASP B 191 8.76 -3.54 -7.44
CA ASP B 191 8.94 -5.01 -7.60
C ASP B 191 9.65 -5.30 -8.93
N LEU B 192 9.13 -4.74 -10.02
CA LEU B 192 9.74 -4.94 -11.37
C LEU B 192 9.92 -6.44 -11.64
N SER B 193 8.83 -7.22 -11.61
CA SER B 193 8.91 -8.66 -11.94
C SER B 193 9.47 -8.83 -13.35
N THR B 194 10.51 -9.67 -13.50
CA THR B 194 11.15 -9.86 -14.83
C THR B 194 10.08 -10.31 -15.82
N ASN B 195 9.23 -11.25 -15.40
CA ASN B 195 8.11 -11.71 -16.27
C ASN B 195 7.14 -10.54 -16.49
N SER B 196 6.87 -9.76 -15.45
CA SER B 196 5.96 -8.59 -15.56
C SER B 196 4.50 -9.07 -15.70
N GLY B 197 4.25 -10.35 -15.42
CA GLY B 197 2.87 -10.89 -15.48
C GLY B 197 2.13 -10.64 -14.17
N CYS B 198 1.09 -11.45 -13.89
CA CYS B 198 0.37 -11.32 -12.60
C CYS B 198 -0.18 -12.68 -12.16
N ILE B 199 -0.52 -12.82 -10.89
CA ILE B 199 -1.09 -14.10 -10.37
C ILE B 199 -2.37 -13.79 -9.58
N TYR B 200 -3.51 -14.23 -10.09
CA TYR B 200 -4.80 -14.02 -9.38
C TYR B 200 -5.11 -15.21 -8.51
N LEU B 201 -5.71 -14.94 -7.34
CA LEU B 201 -6.08 -16.02 -6.41
C LEU B 201 -7.44 -15.71 -5.79
N ASP B 202 -8.26 -16.73 -5.57
CA ASP B 202 -9.53 -16.54 -4.85
C ASP B 202 -9.20 -16.32 -3.37
N ALA B 203 -9.97 -15.47 -2.69
CA ALA B 203 -9.69 -15.14 -1.28
C ALA B 203 -9.80 -16.39 -0.40
N ASP B 204 -10.44 -17.44 -0.89
CA ASP B 204 -10.55 -18.70 -0.12
C ASP B 204 -9.24 -19.50 -0.22
N MET B 205 -8.36 -19.13 -1.14
CA MET B 205 -7.06 -19.83 -1.32
C MET B 205 -6.11 -19.39 -0.21
N ILE B 206 -5.49 -20.35 0.47
CA ILE B 206 -4.53 -20.07 1.56
C ILE B 206 -3.16 -20.46 1.04
N ILE B 207 -2.24 -19.53 1.09
CA ILE B 207 -0.83 -19.81 0.77
C ILE B 207 -0.13 -20.07 2.10
N THR B 208 0.62 -21.17 2.21
CA THR B 208 1.23 -21.53 3.52
C THR B 208 2.74 -21.29 3.52
N GLU B 209 3.39 -21.36 2.35
CA GLU B 209 4.87 -21.24 2.32
C GLU B 209 5.31 -20.44 1.09
N LYS B 210 6.50 -19.82 1.15
CA LYS B 210 7.03 -19.08 -0.02
C LYS B 210 7.00 -19.99 -1.24
N LEU B 211 6.50 -19.50 -2.36
CA LEU B 211 6.37 -20.31 -3.59
C LEU B 211 7.56 -20.13 -4.52
N GLY B 212 8.30 -19.04 -4.43
CA GLY B 212 9.35 -18.74 -5.42
C GLY B 212 8.86 -18.91 -6.86
N GLY B 213 9.79 -19.04 -7.81
CA GLY B 213 9.49 -19.06 -9.24
C GLY B 213 8.66 -20.27 -9.66
N ILE B 214 7.80 -20.09 -10.67
CA ILE B 214 7.02 -21.23 -11.24
C ILE B 214 7.09 -21.21 -12.77
N TYR B 215 6.82 -22.36 -13.35
CA TYR B 215 6.79 -22.55 -14.82
C TYR B 215 5.37 -22.77 -15.27
N ILE B 216 4.92 -21.91 -16.19
CA ILE B 216 3.54 -22.02 -16.72
C ILE B 216 3.64 -22.10 -18.24
N PRO B 217 2.79 -22.92 -18.88
CA PRO B 217 3.07 -23.38 -20.24
C PRO B 217 3.36 -22.29 -21.28
N ASP B 218 2.42 -21.42 -21.61
CA ASP B 218 2.68 -20.48 -22.72
C ASP B 218 2.51 -19.08 -22.15
N GLY B 219 3.02 -18.90 -20.94
CA GLY B 219 2.75 -17.71 -20.12
C GLY B 219 1.39 -17.75 -19.45
N ILE B 220 0.75 -18.91 -19.32
CA ILE B 220 -0.61 -18.97 -18.73
C ILE B 220 -0.84 -20.32 -18.07
N ALA B 221 -1.42 -20.34 -16.86
CA ALA B 221 -1.84 -21.55 -16.13
C ALA B 221 -3.07 -21.24 -15.28
N VAL B 222 -3.81 -22.27 -14.91
CA VAL B 222 -5.07 -22.08 -14.15
C VAL B 222 -5.18 -23.18 -13.12
N HIS B 223 -5.94 -22.90 -12.07
CA HIS B 223 -6.28 -23.88 -11.00
C HIS B 223 -7.11 -25.01 -11.64
N VAL B 224 -6.75 -26.26 -11.33
CA VAL B 224 -7.48 -27.43 -11.87
C VAL B 224 -7.70 -28.45 -10.75
N SER B 232 -11.39 -30.04 -14.32
CA SER B 232 -11.66 -28.92 -15.25
C SER B 232 -10.85 -27.67 -14.86
N MET B 233 -10.80 -26.70 -15.77
CA MET B 233 -10.40 -25.30 -15.47
C MET B 233 -11.26 -24.80 -14.31
N GLU B 234 -10.66 -24.07 -13.36
CA GLU B 234 -11.41 -23.46 -12.23
C GLU B 234 -10.84 -22.06 -11.99
N ASN B 235 -11.69 -21.10 -11.60
CA ASN B 235 -11.27 -19.67 -11.48
C ASN B 235 -10.57 -19.39 -10.15
N GLY B 236 -10.18 -20.42 -9.43
CA GLY B 236 -9.43 -20.25 -8.16
C GLY B 236 -8.09 -19.58 -8.38
N ILE B 237 -7.33 -20.01 -9.40
CA ILE B 237 -6.02 -19.43 -9.73
C ILE B 237 -5.97 -19.15 -11.23
N ILE B 238 -5.54 -17.95 -11.60
CA ILE B 238 -5.09 -17.65 -12.98
C ILE B 238 -3.72 -16.98 -12.89
N ALA B 239 -2.71 -17.60 -13.50
CA ALA B 239 -1.35 -17.02 -13.60
C ALA B 239 -1.07 -16.59 -15.05
N VAL B 240 -0.69 -15.33 -15.23
CA VAL B 240 -0.22 -14.83 -16.55
C VAL B 240 1.24 -14.36 -16.45
N ASP B 241 1.84 -14.32 -17.62
CA ASP B 241 3.27 -14.05 -17.88
C ASP B 241 3.48 -12.57 -18.22
N ARG B 242 2.42 -11.88 -18.62
CA ARG B 242 2.45 -10.63 -19.40
C ARG B 242 1.18 -9.84 -19.11
N ASN B 243 1.15 -8.56 -19.45
CA ASN B 243 -0.15 -7.92 -19.73
C ASN B 243 -0.58 -8.38 -21.13
N ASN B 244 -1.89 -8.33 -21.40
CA ASN B 244 -2.46 -8.60 -22.74
C ASN B 244 -2.02 -9.98 -23.23
N HIS B 245 -2.13 -10.98 -22.39
CA HIS B 245 -1.76 -12.35 -22.79
C HIS B 245 -2.70 -12.77 -23.93
N PRO B 246 -2.16 -13.31 -25.05
CA PRO B 246 -2.99 -13.75 -26.16
C PRO B 246 -4.18 -14.61 -25.71
N ALA B 247 -3.95 -15.63 -24.90
CA ALA B 247 -4.99 -16.56 -24.41
C ALA B 247 -6.14 -15.77 -23.81
N LEU B 248 -5.86 -14.65 -23.14
CA LEU B 248 -6.93 -13.81 -22.56
C LEU B 248 -7.49 -12.83 -23.60
N LEU B 249 -6.74 -12.51 -24.66
CA LEU B 249 -7.30 -11.69 -25.75
C LEU B 249 -8.36 -12.53 -26.51
N ALA B 250 -8.02 -13.76 -26.88
CA ALA B 250 -8.94 -14.69 -27.59
C ALA B 250 -10.24 -14.81 -26.79
N GLY B 251 -10.12 -14.90 -25.46
CA GLY B 251 -11.27 -14.91 -24.53
C GLY B 251 -12.06 -13.61 -24.63
N LEU B 252 -11.36 -12.51 -24.83
CA LEU B 252 -12.05 -11.20 -24.92
C LEU B 252 -12.76 -11.09 -26.27
N GLU B 253 -12.17 -11.62 -27.34
CA GLU B 253 -12.79 -11.61 -28.68
C GLU B 253 -14.14 -12.34 -28.58
N ILE B 254 -14.15 -13.52 -27.97
CA ILE B 254 -15.40 -14.31 -27.73
C ILE B 254 -16.42 -13.41 -27.00
N MET B 255 -16.00 -12.64 -26.01
CA MET B 255 -16.91 -11.73 -25.27
C MET B 255 -17.31 -10.54 -26.16
N HIS B 256 -16.55 -10.27 -27.23
CA HIS B 256 -16.88 -9.21 -28.23
C HIS B 256 -17.77 -9.77 -29.35
N THR B 257 -17.88 -11.11 -29.48
CA THR B 257 -18.53 -11.79 -30.63
C THR B 257 -19.72 -12.66 -30.16
N LYS B 258 -19.53 -13.55 -29.19
CA LYS B 258 -20.61 -14.47 -28.75
C LYS B 258 -21.62 -13.67 -27.90
N PHE B 259 -22.88 -13.71 -28.33
CA PHE B 259 -24.03 -13.05 -27.66
C PHE B 259 -24.29 -13.71 -26.30
N ASP B 260 -24.34 -12.91 -25.23
CA ASP B 260 -24.59 -13.38 -23.84
C ASP B 260 -23.53 -14.43 -23.42
N ALA B 261 -22.30 -14.28 -23.89
CA ALA B 261 -21.17 -15.16 -23.49
C ALA B 261 -20.91 -14.98 -21.99
N ASP B 262 -20.20 -15.93 -21.41
CA ASP B 262 -19.94 -15.95 -19.95
C ASP B 262 -18.50 -15.51 -19.69
N PRO B 263 -18.27 -14.46 -18.84
CA PRO B 263 -16.91 -14.01 -18.54
C PRO B 263 -16.00 -15.18 -18.11
N TYR B 264 -16.48 -16.03 -17.23
CA TYR B 264 -15.62 -17.17 -16.81
C TYR B 264 -15.46 -18.17 -17.97
N SER B 265 -16.51 -18.90 -18.30
CA SER B 265 -16.43 -20.08 -19.20
C SER B 265 -15.99 -19.66 -20.61
N ASP B 266 -16.47 -18.53 -21.12
CA ASP B 266 -16.09 -18.04 -22.48
C ASP B 266 -14.90 -17.09 -22.37
N GLY B 267 -14.94 -16.19 -21.40
CA GLY B 267 -13.91 -15.14 -21.21
C GLY B 267 -12.57 -15.75 -20.82
N VAL B 268 -12.58 -16.85 -20.08
CA VAL B 268 -11.31 -17.47 -19.61
C VAL B 268 -11.08 -18.79 -20.35
N CYS B 269 -11.90 -19.80 -20.06
CA CYS B 269 -11.63 -21.23 -20.42
C CYS B 269 -11.63 -21.43 -21.94
N ASN B 270 -12.61 -20.89 -22.66
CA ASN B 270 -12.61 -21.08 -24.13
C ASN B 270 -11.50 -20.25 -24.77
N GLY B 271 -11.17 -19.09 -24.19
CA GLY B 271 -9.99 -18.31 -24.61
C GLY B 271 -8.75 -19.17 -24.51
N ILE B 272 -8.60 -19.86 -23.38
CA ILE B 272 -7.44 -20.78 -23.21
C ILE B 272 -7.51 -21.83 -24.33
N ARG B 273 -8.67 -22.47 -24.50
CA ARG B 273 -8.88 -23.54 -25.51
C ARG B 273 -8.56 -23.00 -26.91
N LYS B 274 -9.13 -21.86 -27.28
CA LYS B 274 -8.93 -21.28 -28.63
C LYS B 274 -7.43 -21.03 -28.82
N HIS B 275 -6.78 -20.42 -27.83
CA HIS B 275 -5.33 -20.09 -27.87
C HIS B 275 -4.53 -21.36 -28.15
N PHE B 276 -4.88 -22.47 -27.50
CA PHE B 276 -4.14 -23.75 -27.59
C PHE B 276 -4.75 -24.66 -28.67
N ASN B 277 -5.74 -24.15 -29.41
CA ASN B 277 -6.46 -24.89 -30.49
C ASN B 277 -6.75 -26.32 -30.05
N TYR B 278 -7.55 -26.46 -29.00
CA TYR B 278 -7.98 -27.78 -28.52
C TYR B 278 -9.51 -27.86 -28.57
N ASP B 283 -8.66 -35.51 -24.65
CA ASP B 283 -8.98 -35.76 -23.22
C ASP B 283 -8.88 -34.44 -22.46
N TYR B 284 -10.00 -33.77 -22.20
CA TYR B 284 -9.82 -32.49 -21.47
C TYR B 284 -8.85 -32.81 -20.33
N ASN B 285 -9.06 -33.99 -19.74
CA ASN B 285 -8.23 -34.46 -18.60
C ASN B 285 -6.76 -34.29 -18.99
N SER B 286 -6.38 -34.73 -20.18
CA SER B 286 -4.96 -34.61 -20.62
C SER B 286 -4.61 -33.12 -20.72
N PHE B 287 -5.53 -32.32 -21.23
CA PHE B 287 -5.27 -30.89 -21.43
C PHE B 287 -5.06 -30.20 -20.07
N CYS B 288 -5.95 -30.50 -19.12
CA CYS B 288 -5.99 -29.85 -17.80
C CYS B 288 -4.64 -30.02 -17.15
N ASP B 289 -4.14 -31.25 -17.17
CA ASP B 289 -2.79 -31.52 -16.61
C ASP B 289 -1.79 -30.56 -17.27
N PHE B 290 -2.02 -30.24 -18.54
CA PHE B 290 -1.09 -29.36 -19.29
C PHE B 290 -1.18 -27.91 -18.77
N ILE B 291 -2.39 -27.40 -18.61
CA ILE B 291 -2.64 -25.95 -18.33
C ILE B 291 -2.54 -25.64 -16.83
N GLU B 292 -2.36 -26.66 -15.99
CA GLU B 292 -2.60 -26.60 -14.52
C GLU B 292 -1.50 -25.81 -13.82
N PHE B 293 -1.88 -24.86 -12.96
CA PHE B 293 -0.92 -24.06 -12.16
C PHE B 293 -0.27 -24.95 -11.09
N LYS B 294 1.06 -25.00 -11.02
CA LYS B 294 1.77 -26.07 -10.28
C LYS B 294 2.40 -25.58 -8.98
N HIS B 295 1.97 -26.19 -7.89
CA HIS B 295 2.36 -25.88 -6.49
C HIS B 295 1.88 -27.03 -5.60
N ASP B 296 2.20 -27.05 -4.31
CA ASP B 296 1.21 -27.63 -3.36
C ASP B 296 1.13 -26.86 -2.04
N ASN B 297 1.55 -25.60 -2.00
CA ASN B 297 1.40 -24.80 -0.75
C ASN B 297 0.12 -23.98 -0.80
N ILE B 298 -0.53 -23.84 -1.96
CA ILE B 298 -1.80 -23.07 -1.98
C ILE B 298 -2.92 -24.03 -1.63
N ILE B 299 -3.70 -23.67 -0.62
CA ILE B 299 -4.61 -24.63 0.04
C ILE B 299 -6.03 -24.12 -0.18
N MET B 300 -6.99 -25.01 0.08
CA MET B 300 -8.40 -24.69 -0.18
C MET B 300 -8.92 -23.83 0.97
N ASN B 301 -10.24 -23.69 0.99
CA ASN B 301 -10.93 -22.86 2.02
C ASN B 301 -10.67 -23.40 3.43
N THR B 302 -11.05 -24.65 3.66
CA THR B 302 -10.96 -25.37 4.96
C THR B 302 -9.48 -25.53 5.30
N SER B 303 -8.69 -25.72 4.24
CA SER B 303 -7.36 -26.38 4.22
C SER B 303 -7.41 -27.41 3.10
#